data_4QR7
#
_entry.id   4QR7
#
_cell.length_a   57.330
_cell.length_b   66.459
_cell.length_c   206.865
_cell.angle_alpha   90.00
_cell.angle_beta   90.00
_cell.angle_gamma   90.00
#
_symmetry.space_group_name_H-M   'C 2 2 21'
#
loop_
_entity.id
_entity.type
_entity.pdbx_description
1 polymer 'L,d-transpeptidase LdtB'
2 non-polymer GLCNAC(BETA1-4)-MURNAC(1,6-ANHYDRO)-L-ALA-GAMMA-D-GLU-MESO-A2PM-D-ALA
3 non-polymer '(2S,3R,4S)-4-{[(3S,5S)-5-(dimethylcarbamoyl)pyrrolidin-3-yl]sulfanyl}-2-[(2S,3R)-3-hydroxy-1-oxobutan-2-yl]-3-methyl-3,4-dihydro-2H-pyrrole-5-carboxylic acid'
4 water water
#
_entity_poly.entity_id   1
_entity_poly.type   'polypeptide(L)'
_entity_poly.pdbx_seq_one_letter_code
;LLVPKLTASVTDGAVGVTVDAPVSVTAADGVLAAVTMVNDNGRPVAGRLSPDGLRWSTTEQLGYNRRYTLNATALGLGGA
ATRQLTFQTSSPAHLTMPYVMPGDGEVVGVGEPVAIRFDENIADRGAAEKAIKITTNPPVEGAFYWLNNREVRWRPEHFW
KPGTAVDVAVNTYGVDLGEGMFGEDNVQTHFTIGDEVIATADDNTKILTVRVNGEVVKSMPTSMGKDSTPTANGIYIVGS
RYKHIIMDSSTYGVPVNSPNGYRTDVDWATQISYSGVFVHSAPWSVGAQGHTNTSHGCLNVSPSNAQWFYDHVKRGDIVE
VVNTVGGTLPGIDGLGDWNIPWDQWRAGNAKA
;
_entity_poly.pdbx_strand_id   A
#
# COMPACT_ATOMS: atom_id res chain seq x y z
N VAL A 3 -48.55 -7.91 -17.35
CA VAL A 3 -47.83 -8.64 -16.32
C VAL A 3 -46.53 -7.91 -16.04
N PRO A 4 -45.99 -8.08 -14.82
CA PRO A 4 -44.74 -7.37 -14.50
C PRO A 4 -43.53 -7.98 -15.20
N LYS A 5 -42.49 -7.16 -15.34
CA LYS A 5 -41.29 -7.56 -16.04
C LYS A 5 -40.12 -7.68 -15.07
N LEU A 6 -39.41 -8.80 -15.14
CA LEU A 6 -38.32 -9.08 -14.24
C LEU A 6 -36.99 -9.03 -14.99
N THR A 7 -36.04 -8.25 -14.47
CA THR A 7 -34.70 -8.23 -15.04
C THR A 7 -33.70 -8.56 -13.96
N ALA A 8 -32.60 -9.20 -14.36
CA ALA A 8 -31.55 -9.57 -13.42
C ALA A 8 -30.20 -9.16 -13.99
N SER A 9 -29.20 -9.00 -13.12
CA SER A 9 -27.87 -8.63 -13.56
C SER A 9 -27.02 -9.85 -13.92
N VAL A 10 -27.68 -11.01 -14.01
CA VAL A 10 -27.02 -12.25 -14.45
C VAL A 10 -27.91 -12.93 -15.49
N THR A 11 -27.30 -13.75 -16.33
CA THR A 11 -28.03 -14.46 -17.39
C THR A 11 -28.14 -15.93 -17.02
N ASP A 12 -29.26 -16.56 -17.42
CA ASP A 12 -29.49 -17.97 -17.11
C ASP A 12 -28.48 -18.84 -17.86
N GLY A 13 -27.86 -19.77 -17.14
CA GLY A 13 -26.87 -20.65 -17.73
C GLY A 13 -25.48 -20.05 -17.92
N ALA A 14 -25.27 -18.83 -17.46
CA ALA A 14 -23.94 -18.23 -17.55
C ALA A 14 -22.97 -18.99 -16.66
N VAL A 15 -21.71 -19.03 -17.06
CA VAL A 15 -20.64 -19.60 -16.26
C VAL A 15 -19.58 -18.52 -16.10
N GLY A 16 -18.58 -18.77 -15.25
CA GLY A 16 -17.52 -17.81 -15.02
C GLY A 16 -18.00 -16.45 -14.54
N VAL A 17 -19.19 -16.39 -13.97
CA VAL A 17 -19.70 -15.14 -13.41
C VAL A 17 -18.81 -14.66 -12.27
N THR A 18 -18.30 -13.43 -12.38
CA THR A 18 -17.37 -12.92 -11.37
C THR A 18 -18.09 -12.44 -10.11
N VAL A 19 -17.50 -12.69 -8.95
CA VAL A 19 -18.10 -12.35 -7.67
C VAL A 19 -17.57 -11.05 -7.10
N ASP A 20 -17.07 -10.15 -7.96
CA ASP A 20 -16.67 -8.82 -7.55
C ASP A 20 -17.87 -7.88 -7.41
N ALA A 21 -19.03 -8.33 -7.90
CA ALA A 21 -20.22 -7.48 -7.95
C ALA A 21 -21.44 -8.10 -7.28
N PRO A 22 -22.31 -7.28 -6.70
CA PRO A 22 -23.52 -7.88 -6.16
C PRO A 22 -24.40 -8.37 -7.30
N VAL A 23 -25.35 -9.24 -7.01
CA VAL A 23 -26.30 -9.67 -8.03
C VAL A 23 -27.57 -8.94 -7.71
N SER A 24 -28.22 -8.39 -8.73
CA SER A 24 -29.39 -7.58 -8.46
C SER A 24 -30.56 -8.00 -9.32
N VAL A 25 -31.75 -7.78 -8.79
CA VAL A 25 -32.98 -8.08 -9.51
C VAL A 25 -33.88 -6.84 -9.47
N THR A 26 -34.50 -6.57 -10.61
CA THR A 26 -35.37 -5.41 -10.77
C THR A 26 -36.74 -5.83 -11.31
N ALA A 27 -37.79 -5.15 -10.88
CA ALA A 27 -39.08 -5.38 -11.51
C ALA A 27 -39.64 -4.10 -12.12
N ALA A 28 -40.18 -4.21 -13.32
CA ALA A 28 -40.95 -3.13 -13.94
C ALA A 28 -42.43 -3.54 -14.09
N ASP A 29 -43.31 -2.54 -14.08
CA ASP A 29 -44.76 -2.76 -14.18
C ASP A 29 -45.31 -3.58 -13.02
N GLY A 30 -44.63 -3.49 -11.89
CA GLY A 30 -45.09 -4.15 -10.69
C GLY A 30 -44.04 -4.05 -9.61
N VAL A 31 -44.18 -4.86 -8.57
CA VAL A 31 -43.22 -4.91 -7.49
C VAL A 31 -42.78 -6.34 -7.23
N LEU A 32 -41.62 -6.49 -6.62
CA LEU A 32 -41.13 -7.78 -6.19
C LEU A 32 -41.82 -8.19 -4.89
N ALA A 33 -42.53 -9.31 -4.93
CA ALA A 33 -43.07 -9.91 -3.72
C ALA A 33 -41.96 -10.67 -2.98
N ALA A 34 -41.14 -11.43 -3.71
CA ALA A 34 -40.03 -12.18 -3.10
C ALA A 34 -38.94 -12.57 -4.08
N VAL A 35 -37.73 -12.72 -3.54
CA VAL A 35 -36.54 -13.04 -4.32
C VAL A 35 -35.65 -13.89 -3.40
N THR A 36 -35.31 -15.11 -3.81
CA THR A 36 -34.35 -15.90 -3.03
C THR A 36 -33.20 -16.35 -3.94
N MET A 37 -32.02 -16.52 -3.37
CA MET A 37 -30.87 -17.07 -4.11
C MET A 37 -30.20 -18.07 -3.21
N VAL A 38 -30.01 -19.30 -3.73
CA VAL A 38 -29.39 -20.37 -2.95
C VAL A 38 -28.28 -21.09 -3.70
N ASN A 39 -27.40 -21.72 -2.94
CA ASN A 39 -26.35 -22.56 -3.52
C ASN A 39 -26.83 -24.00 -3.74
N ASP A 40 -25.93 -24.90 -4.13
CA ASP A 40 -26.36 -26.26 -4.47
C ASP A 40 -26.56 -27.16 -3.23
N ASN A 41 -26.48 -26.56 -2.04
CA ASN A 41 -26.98 -27.17 -0.82
C ASN A 41 -28.19 -26.43 -0.30
N GLY A 42 -28.77 -25.56 -1.13
CA GLY A 42 -30.02 -24.88 -0.81
C GLY A 42 -29.94 -23.91 0.37
N ARG A 43 -28.73 -23.41 0.65
CA ARG A 43 -28.54 -22.37 1.65
C ARG A 43 -28.77 -20.99 1.05
N PRO A 44 -29.53 -20.16 1.73
CA PRO A 44 -29.81 -18.85 1.14
C PRO A 44 -28.65 -17.87 1.28
N VAL A 45 -28.53 -16.99 0.28
CA VAL A 45 -27.58 -15.87 0.30
C VAL A 45 -28.33 -14.64 0.84
N ALA A 46 -27.73 -13.97 1.81
CA ALA A 46 -28.25 -12.72 2.35
C ALA A 46 -28.57 -11.76 1.20
N GLY A 47 -29.72 -11.09 1.28
CA GLY A 47 -30.11 -10.10 0.27
C GLY A 47 -31.04 -9.04 0.85
N ARG A 48 -31.20 -7.92 0.15
CA ARG A 48 -32.13 -6.88 0.61
C ARG A 48 -33.05 -6.35 -0.50
N LEU A 49 -34.30 -6.12 -0.14
CA LEU A 49 -35.31 -5.62 -1.04
C LEU A 49 -35.58 -4.15 -0.70
N SER A 50 -35.64 -3.29 -1.71
CA SER A 50 -35.80 -1.86 -1.44
C SER A 50 -37.19 -1.60 -0.90
N PRO A 51 -37.32 -0.57 -0.05
CA PRO A 51 -38.63 -0.21 0.51
C PRO A 51 -39.71 -0.10 -0.56
N ASP A 52 -39.42 0.48 -1.72
CA ASP A 52 -40.45 0.58 -2.77
C ASP A 52 -40.72 -0.74 -3.54
N GLY A 53 -40.07 -1.83 -3.13
CA GLY A 53 -40.22 -3.12 -3.79
C GLY A 53 -39.70 -3.26 -5.22
N LEU A 54 -38.93 -2.28 -5.71
CA LEU A 54 -38.56 -2.26 -7.12
C LEU A 54 -37.25 -2.99 -7.45
N ARG A 55 -36.39 -3.14 -6.44
CA ARG A 55 -35.08 -3.71 -6.69
C ARG A 55 -34.57 -4.50 -5.48
N TRP A 56 -33.94 -5.63 -5.76
CA TRP A 56 -33.38 -6.47 -4.72
C TRP A 56 -31.92 -6.74 -5.05
N SER A 57 -31.10 -6.87 -4.02
CA SER A 57 -29.68 -7.13 -4.23
C SER A 57 -29.09 -8.00 -3.13
N THR A 58 -28.04 -8.75 -3.47
CA THR A 58 -27.40 -9.60 -2.49
C THR A 58 -26.59 -8.70 -1.56
N THR A 59 -26.38 -9.10 -0.31
CA THR A 59 -25.68 -8.23 0.65
C THR A 59 -24.42 -8.85 1.21
N GLU A 60 -24.01 -10.00 0.71
CA GLU A 60 -22.81 -10.63 1.22
C GLU A 60 -22.06 -11.29 0.08
N GLN A 61 -20.77 -11.58 0.29
CA GLN A 61 -19.95 -12.05 -0.80
C GLN A 61 -20.43 -13.42 -1.26
N LEU A 62 -20.52 -13.57 -2.57
CA LEU A 62 -20.82 -14.85 -3.18
C LEU A 62 -19.54 -15.68 -3.17
N GLY A 63 -19.65 -17.00 -3.27
CA GLY A 63 -18.47 -17.83 -3.23
C GLY A 63 -17.92 -18.24 -4.59
N TYR A 64 -16.66 -18.64 -4.63
CA TYR A 64 -16.12 -19.23 -5.86
C TYR A 64 -16.64 -20.66 -6.09
N ASN A 65 -16.55 -21.17 -7.31
CA ASN A 65 -16.94 -22.56 -7.60
C ASN A 65 -18.37 -22.91 -7.27
N ARG A 66 -19.24 -21.92 -7.26
CA ARG A 66 -20.60 -22.13 -6.78
C ARG A 66 -21.56 -22.03 -7.94
N ARG A 67 -22.68 -22.71 -7.78
CA ARG A 67 -23.78 -22.62 -8.72
C ARG A 67 -24.88 -21.99 -7.91
N TYR A 68 -25.45 -20.90 -8.39
CA TYR A 68 -26.56 -20.26 -7.67
C TYR A 68 -27.87 -20.34 -8.44
N THR A 69 -28.96 -20.60 -7.71
CA THR A 69 -30.29 -20.62 -8.31
C THR A 69 -31.09 -19.45 -7.75
N LEU A 70 -31.56 -18.61 -8.68
CA LEU A 70 -32.30 -17.38 -8.35
C LEU A 70 -33.79 -17.58 -8.64
N ASN A 71 -34.65 -17.40 -7.64
CA ASN A 71 -36.10 -17.41 -7.85
C ASN A 71 -36.65 -16.04 -7.55
N ALA A 72 -37.50 -15.51 -8.43
CA ALA A 72 -38.11 -14.22 -8.14
C ALA A 72 -39.55 -14.17 -8.59
N THR A 73 -40.38 -13.50 -7.80
CA THR A 73 -41.78 -13.35 -8.13
C THR A 73 -42.18 -11.89 -7.98
N ALA A 74 -42.82 -11.35 -9.01
CA ALA A 74 -43.33 -9.99 -9.00
C ALA A 74 -44.83 -9.97 -9.22
N LEU A 75 -45.47 -8.95 -8.66
CA LEU A 75 -46.91 -8.78 -8.69
C LEU A 75 -47.22 -7.33 -9.08
N GLY A 76 -48.16 -7.15 -10.00
CA GLY A 76 -48.58 -5.83 -10.42
C GLY A 76 -50.08 -5.75 -10.60
N LEU A 77 -50.52 -4.86 -11.50
CA LEU A 77 -51.93 -4.74 -11.84
C LEU A 77 -52.36 -5.82 -12.83
N GLY A 78 -51.46 -6.16 -13.76
CA GLY A 78 -51.71 -7.18 -14.76
C GLY A 78 -51.54 -8.60 -14.24
N GLY A 79 -51.22 -8.72 -12.95
CA GLY A 79 -51.12 -10.04 -12.32
C GLY A 79 -49.74 -10.38 -11.79
N ALA A 80 -49.42 -11.67 -11.81
CA ALA A 80 -48.16 -12.15 -11.23
C ALA A 80 -47.21 -12.72 -12.29
N ALA A 81 -45.92 -12.72 -11.98
CA ALA A 81 -44.93 -13.37 -12.82
C ALA A 81 -43.83 -13.95 -11.93
N THR A 82 -43.48 -15.20 -12.17
CA THR A 82 -42.45 -15.88 -11.41
C THR A 82 -41.39 -16.36 -12.38
N ARG A 83 -40.12 -16.16 -12.05
CA ARG A 83 -39.06 -16.55 -12.96
C ARG A 83 -37.94 -17.19 -12.18
N GLN A 84 -37.08 -17.90 -12.88
CA GLN A 84 -35.97 -18.62 -12.25
C GLN A 84 -34.79 -18.71 -13.20
N LEU A 85 -33.58 -18.60 -12.65
CA LEU A 85 -32.37 -18.85 -13.43
C LEU A 85 -31.29 -19.46 -12.57
N THR A 86 -30.33 -20.12 -13.20
CA THR A 86 -29.16 -20.59 -12.50
C THR A 86 -27.91 -20.06 -13.19
N PHE A 87 -26.88 -19.73 -12.40
CA PHE A 87 -25.57 -19.41 -12.97
C PHE A 87 -24.47 -20.03 -12.11
N GLN A 88 -23.24 -20.00 -12.63
CA GLN A 88 -22.07 -20.52 -11.94
C GLN A 88 -20.99 -19.46 -11.90
N THR A 89 -20.27 -19.39 -10.77
CA THR A 89 -19.28 -18.37 -10.55
C THR A 89 -17.89 -18.85 -10.97
N SER A 90 -16.93 -17.91 -10.99
CA SER A 90 -15.54 -18.19 -11.34
C SER A 90 -14.97 -19.34 -10.51
N SER A 91 -14.15 -20.15 -11.15
CA SER A 91 -13.39 -21.19 -10.45
C SER A 91 -11.88 -20.90 -10.55
N PRO A 92 -11.31 -20.26 -9.52
CA PRO A 92 -9.91 -19.81 -9.63
C PRO A 92 -8.93 -20.98 -9.75
N ALA A 93 -7.78 -20.73 -10.35
CA ALA A 93 -6.67 -21.68 -10.35
C ALA A 93 -5.92 -21.51 -9.04
N HIS A 94 -5.76 -20.26 -8.61
CA HIS A 94 -5.19 -19.95 -7.31
C HIS A 94 -5.84 -18.71 -6.71
N LEU A 95 -5.54 -18.46 -5.44
CA LEU A 95 -5.97 -17.24 -4.76
C LEU A 95 -4.76 -16.48 -4.21
N THR A 96 -4.82 -15.14 -4.24
CA THR A 96 -3.78 -14.33 -3.63
C THR A 96 -4.38 -13.33 -2.64
N MET A 97 -3.67 -13.06 -1.56
CA MET A 97 -4.18 -12.13 -0.57
C MET A 97 -3.35 -10.84 -0.61
N PRO A 98 -4.04 -9.68 -0.58
CA PRO A 98 -3.33 -8.40 -0.58
C PRO A 98 -3.14 -7.86 0.83
N TYR A 99 -2.08 -7.08 1.00
CA TYR A 99 -1.77 -6.41 2.26
C TYR A 99 -1.42 -4.98 1.95
N VAL A 100 -1.89 -4.04 2.75
CA VAL A 100 -1.71 -2.64 2.43
C VAL A 100 -1.09 -1.85 3.57
N MET A 101 -0.15 -0.98 3.23
CA MET A 101 0.47 -0.06 4.16
C MET A 101 0.22 1.33 3.63
N PRO A 102 0.23 2.36 4.49
CA PRO A 102 0.42 2.30 5.96
C PRO A 102 -0.83 1.74 6.64
N GLY A 103 -0.73 1.43 7.94
CA GLY A 103 -1.85 0.90 8.67
C GLY A 103 -3.05 1.83 8.75
N ASP A 104 -4.22 1.23 8.98
CA ASP A 104 -5.48 1.96 9.08
C ASP A 104 -5.50 2.84 10.32
N GLY A 105 -5.92 4.09 10.13
CA GLY A 105 -5.95 5.07 11.19
C GLY A 105 -4.71 5.94 11.31
N GLU A 106 -3.60 5.49 10.74
CA GLU A 106 -2.30 6.13 10.90
C GLU A 106 -2.17 7.57 10.37
N VAL A 107 -1.37 8.38 11.05
CA VAL A 107 -0.94 9.68 10.52
C VAL A 107 0.50 9.55 10.04
N VAL A 108 0.74 9.84 8.76
CA VAL A 108 2.05 9.60 8.16
C VAL A 108 2.64 10.87 7.53
N GLY A 109 3.92 10.81 7.14
CA GLY A 109 4.58 11.97 6.56
C GLY A 109 4.24 12.20 5.10
N VAL A 110 4.65 13.36 4.59
CA VAL A 110 4.33 13.78 3.23
C VAL A 110 4.96 12.94 2.13
N GLY A 111 5.93 12.08 2.47
CA GLY A 111 6.54 11.22 1.48
C GLY A 111 5.97 9.82 1.39
N GLU A 112 4.94 9.53 2.17
CA GLU A 112 4.42 8.16 2.26
C GLU A 112 3.58 7.75 1.05
N PRO A 113 3.99 6.68 0.37
CA PRO A 113 3.22 6.16 -0.74
C PRO A 113 2.18 5.17 -0.24
N VAL A 114 1.10 4.98 -0.99
CA VAL A 114 0.19 3.89 -0.75
C VAL A 114 0.92 2.65 -1.24
N ALA A 115 0.97 1.61 -0.42
CA ALA A 115 1.62 0.35 -0.81
C ALA A 115 0.64 -0.82 -0.71
N ILE A 116 0.54 -1.60 -1.78
CA ILE A 116 -0.29 -2.79 -1.77
C ILE A 116 0.55 -4.00 -2.13
N ARG A 117 0.72 -4.91 -1.18
CA ARG A 117 1.56 -6.08 -1.41
C ARG A 117 0.76 -7.38 -1.49
N PHE A 118 0.94 -8.14 -2.57
CA PHE A 118 0.28 -9.42 -2.73
C PHE A 118 1.20 -10.55 -2.31
N ASP A 119 0.61 -11.67 -1.89
CA ASP A 119 1.41 -12.84 -1.49
C ASP A 119 1.66 -13.81 -2.65
N GLU A 120 1.34 -13.37 -3.86
CA GLU A 120 1.63 -14.13 -5.06
C GLU A 120 2.03 -13.16 -6.16
N ASN A 121 2.77 -13.66 -7.15
CA ASN A 121 3.12 -12.85 -8.30
C ASN A 121 1.85 -12.51 -9.09
N ILE A 122 1.72 -11.25 -9.50
CA ILE A 122 0.54 -10.78 -10.24
C ILE A 122 0.80 -10.83 -11.76
N ALA A 123 0.11 -11.72 -12.46
CA ALA A 123 0.36 -11.82 -13.91
C ALA A 123 -0.28 -10.69 -14.72
N ASP A 124 -1.36 -10.13 -14.20
CA ASP A 124 -2.08 -9.04 -14.87
C ASP A 124 -2.09 -7.82 -13.97
N ARG A 125 -1.02 -7.03 -14.05
CA ARG A 125 -0.87 -5.85 -13.23
C ARG A 125 -1.99 -4.86 -13.52
N GLY A 126 -2.43 -4.84 -14.78
CA GLY A 126 -3.42 -3.91 -15.25
C GLY A 126 -4.70 -4.10 -14.47
N ALA A 127 -5.06 -5.37 -14.25
CA ALA A 127 -6.28 -5.72 -13.52
C ALA A 127 -6.14 -5.32 -12.08
N ALA A 128 -4.99 -5.63 -11.48
CA ALA A 128 -4.73 -5.26 -10.10
C ALA A 128 -4.90 -3.75 -9.90
N GLU A 129 -4.28 -2.97 -10.78
CA GLU A 129 -4.38 -1.50 -10.66
C GLU A 129 -5.84 -1.02 -10.69
N LYS A 130 -6.60 -1.55 -11.64
CA LYS A 130 -7.99 -1.15 -11.82
C LYS A 130 -8.88 -1.61 -10.64
N ALA A 131 -8.46 -2.65 -9.94
CA ALA A 131 -9.20 -3.13 -8.78
C ALA A 131 -8.93 -2.32 -7.52
N ILE A 132 -7.93 -1.43 -7.58
CA ILE A 132 -7.57 -0.61 -6.43
C ILE A 132 -8.10 0.82 -6.57
N LYS A 133 -9.00 1.23 -5.67
CA LYS A 133 -9.59 2.57 -5.77
C LYS A 133 -9.07 3.46 -4.66
N ILE A 134 -8.37 4.52 -5.04
CA ILE A 134 -7.80 5.43 -4.06
C ILE A 134 -8.49 6.78 -4.15
N THR A 135 -8.96 7.26 -3.01
CA THR A 135 -9.66 8.54 -2.93
C THR A 135 -8.78 9.52 -2.15
N THR A 136 -8.80 10.80 -2.52
CA THR A 136 -7.94 11.76 -1.84
C THR A 136 -8.67 13.08 -1.60
N ASN A 137 -8.49 13.68 -0.45
CA ASN A 137 -9.15 14.96 -0.17
C ASN A 137 -8.20 15.90 0.61
N PRO A 138 -7.84 17.06 0.03
CA PRO A 138 -8.09 17.64 -1.30
C PRO A 138 -7.69 16.68 -2.43
N PRO A 139 -8.48 16.61 -3.51
CA PRO A 139 -8.13 15.66 -4.57
C PRO A 139 -6.80 15.99 -5.24
N VAL A 140 -6.06 14.96 -5.62
CA VAL A 140 -4.74 15.15 -6.23
C VAL A 140 -4.47 14.00 -7.19
N GLU A 141 -3.82 14.29 -8.31
CA GLU A 141 -3.45 13.25 -9.26
C GLU A 141 -2.31 12.40 -8.72
N GLY A 142 -2.44 11.07 -8.84
CA GLY A 142 -1.35 10.16 -8.54
C GLY A 142 -1.28 9.06 -9.59
N ALA A 143 -0.42 8.05 -9.40
CA ALA A 143 -0.29 6.92 -10.32
C ALA A 143 0.40 5.69 -9.70
N PHE A 144 0.15 4.53 -10.30
CA PHE A 144 0.68 3.26 -9.86
C PHE A 144 2.03 3.00 -10.53
N TYR A 145 2.96 2.46 -9.73
CA TYR A 145 4.23 1.95 -10.23
C TYR A 145 4.58 0.71 -9.45
N TRP A 146 5.03 -0.33 -10.15
CA TRP A 146 5.37 -1.57 -9.48
C TRP A 146 6.84 -1.60 -9.02
N LEU A 147 7.08 -2.01 -7.77
CA LEU A 147 8.41 -2.15 -7.19
C LEU A 147 9.02 -3.51 -7.50
N ASN A 148 8.17 -4.50 -7.71
CA ASN A 148 8.57 -5.87 -8.01
C ASN A 148 7.31 -6.62 -8.44
N ASN A 149 7.36 -7.94 -8.49
CA ASN A 149 6.22 -8.68 -9.02
C ASN A 149 5.04 -8.81 -8.06
N ARG A 150 5.19 -8.31 -6.83
CA ARG A 150 4.17 -8.53 -5.80
C ARG A 150 3.67 -7.27 -5.12
N GLU A 151 4.40 -6.17 -5.30
CA GLU A 151 4.04 -4.93 -4.64
C GLU A 151 3.95 -3.74 -5.59
N VAL A 152 2.81 -3.06 -5.57
CA VAL A 152 2.58 -1.86 -6.35
C VAL A 152 2.48 -0.64 -5.41
N ARG A 153 2.96 0.51 -5.87
CA ARG A 153 2.98 1.73 -5.06
C ARG A 153 2.16 2.84 -5.74
N TRP A 154 1.67 3.82 -4.96
CA TRP A 154 0.91 4.93 -5.53
C TRP A 154 1.23 6.22 -4.79
N ARG A 155 1.48 7.29 -5.54
CA ARG A 155 1.85 8.58 -4.96
C ARG A 155 1.58 9.70 -5.97
N PRO A 156 1.44 10.94 -5.47
CA PRO A 156 1.32 12.12 -6.34
C PRO A 156 2.64 12.45 -7.01
N GLU A 157 2.63 13.49 -7.84
CA GLU A 157 3.85 13.95 -8.49
C GLU A 157 4.81 14.60 -7.48
N HIS A 158 4.24 15.33 -6.53
CA HIS A 158 5.02 16.04 -5.51
C HIS A 158 4.62 15.51 -4.14
N PHE A 159 5.40 15.79 -3.10
CA PHE A 159 5.06 15.34 -1.75
C PHE A 159 3.61 15.72 -1.45
N TRP A 160 2.94 14.89 -0.66
CA TRP A 160 1.56 15.12 -0.25
C TRP A 160 1.44 16.45 0.46
N LYS A 161 0.28 17.08 0.32
CA LYS A 161 -0.05 18.29 1.05
C LYS A 161 -0.61 17.92 2.42
N PRO A 162 -0.09 18.56 3.47
CA PRO A 162 -0.55 18.22 4.82
C PRO A 162 -2.06 18.40 4.97
N GLY A 163 -2.71 17.49 5.68
CA GLY A 163 -4.15 17.56 5.85
C GLY A 163 -4.92 16.76 4.81
N THR A 164 -4.21 16.00 4.00
CA THR A 164 -4.88 15.19 3.00
C THR A 164 -5.33 13.87 3.59
N ALA A 165 -6.60 13.55 3.36
CA ALA A 165 -7.16 12.27 3.74
C ALA A 165 -6.99 11.31 2.57
N VAL A 166 -6.55 10.09 2.83
CA VAL A 166 -6.37 9.13 1.76
C VAL A 166 -7.20 7.91 2.06
N ASP A 167 -8.06 7.52 1.13
CA ASP A 167 -8.86 6.35 1.32
C ASP A 167 -8.51 5.33 0.28
N VAL A 168 -8.21 4.12 0.73
CA VAL A 168 -7.76 3.07 -0.16
C VAL A 168 -8.69 1.87 -0.11
N ALA A 169 -9.34 1.56 -1.24
CA ALA A 169 -10.16 0.36 -1.31
C ALA A 169 -9.57 -0.65 -2.28
N VAL A 170 -8.97 -1.70 -1.75
CA VAL A 170 -8.36 -2.75 -2.57
C VAL A 170 -9.40 -3.82 -2.90
N ASN A 171 -10.14 -3.61 -3.99
CA ASN A 171 -11.31 -4.44 -4.30
C ASN A 171 -11.00 -5.60 -5.20
N THR A 172 -10.21 -6.52 -4.67
CA THR A 172 -9.61 -7.58 -5.47
C THR A 172 -10.46 -8.86 -5.52
N TYR A 173 -11.31 -9.06 -4.51
CA TYR A 173 -12.16 -10.24 -4.44
C TYR A 173 -13.02 -10.39 -5.72
N GLY A 174 -12.94 -11.56 -6.33
CA GLY A 174 -13.66 -11.82 -7.54
C GLY A 174 -12.98 -11.35 -8.80
N VAL A 175 -11.81 -10.73 -8.69
CA VAL A 175 -11.13 -10.20 -9.87
C VAL A 175 -10.09 -11.18 -10.38
N ASP A 176 -10.16 -11.49 -11.67
CA ASP A 176 -9.16 -12.31 -12.32
C ASP A 176 -7.87 -11.51 -12.44
N LEU A 177 -6.89 -11.84 -11.61
CA LEU A 177 -5.62 -11.13 -11.60
C LEU A 177 -4.62 -11.80 -12.54
N GLY A 178 -5.10 -12.66 -13.44
CA GLY A 178 -4.22 -13.26 -14.43
C GLY A 178 -3.88 -14.71 -14.16
N GLU A 179 -3.87 -15.52 -15.22
CA GLU A 179 -3.51 -16.94 -15.14
C GLU A 179 -4.37 -17.66 -14.12
N GLY A 180 -5.66 -17.32 -14.11
CA GLY A 180 -6.62 -17.97 -13.23
C GLY A 180 -6.40 -17.61 -11.77
N MET A 181 -5.68 -16.53 -11.52
CA MET A 181 -5.47 -16.11 -10.16
C MET A 181 -6.50 -15.07 -9.75
N PHE A 182 -7.21 -15.32 -8.66
CA PHE A 182 -8.22 -14.37 -8.21
C PHE A 182 -7.92 -13.87 -6.80
N GLY A 183 -8.42 -12.69 -6.48
CA GLY A 183 -8.28 -12.15 -5.13
C GLY A 183 -9.01 -12.97 -4.08
N GLU A 184 -8.35 -13.20 -2.97
CA GLU A 184 -8.91 -13.93 -1.84
C GLU A 184 -9.93 -13.11 -1.01
N ASP A 185 -9.74 -11.80 -0.95
CA ASP A 185 -10.62 -10.93 -0.18
C ASP A 185 -10.34 -9.48 -0.55
N ASN A 186 -11.20 -8.57 -0.12
CA ASN A 186 -10.92 -7.15 -0.28
C ASN A 186 -10.17 -6.66 0.93
N VAL A 187 -9.50 -5.52 0.80
CA VAL A 187 -8.84 -4.87 1.93
C VAL A 187 -9.12 -3.36 1.86
N GLN A 188 -9.43 -2.76 3.00
CA GLN A 188 -9.79 -1.35 3.07
C GLN A 188 -8.84 -0.68 4.06
N THR A 189 -8.35 0.51 3.74
CA THR A 189 -7.62 1.27 4.74
C THR A 189 -7.71 2.77 4.53
N HIS A 190 -7.46 3.53 5.59
CA HIS A 190 -7.57 4.97 5.57
C HIS A 190 -6.45 5.59 6.38
N PHE A 191 -5.84 6.65 5.86
CA PHE A 191 -4.78 7.35 6.58
C PHE A 191 -4.79 8.84 6.29
N THR A 192 -3.95 9.58 7.02
CA THR A 192 -3.93 11.04 6.93
C THR A 192 -2.48 11.54 6.86
N ILE A 193 -2.25 12.56 6.05
CA ILE A 193 -0.94 13.18 5.96
C ILE A 193 -0.82 14.27 7.00
N GLY A 194 0.21 14.19 7.83
CA GLY A 194 0.50 15.25 8.79
C GLY A 194 1.43 16.34 8.29
N ASP A 195 2.17 16.88 9.25
CA ASP A 195 3.12 17.95 9.00
C ASP A 195 4.15 17.58 7.95
N GLU A 196 4.54 18.56 7.15
CA GLU A 196 5.68 18.42 6.27
C GLU A 196 7.00 18.43 7.06
N VAL A 197 7.59 17.25 7.22
CA VAL A 197 8.91 17.16 7.83
C VAL A 197 9.91 16.68 6.80
N ILE A 198 10.91 17.52 6.51
CA ILE A 198 11.97 17.19 5.56
C ILE A 198 13.34 17.48 6.14
N ALA A 199 14.13 16.42 6.36
CA ALA A 199 15.49 16.54 6.87
C ALA A 199 16.51 16.44 5.74
N THR A 200 17.50 17.31 5.74
CA THR A 200 18.50 17.33 4.67
C THR A 200 19.91 17.18 5.20
N ALA A 201 20.57 16.10 4.81
CA ALA A 201 21.97 15.89 5.14
C ALA A 201 22.86 16.36 3.99
N ASP A 202 23.57 17.46 4.20
CA ASP A 202 24.49 17.98 3.18
C ASP A 202 25.90 17.50 3.51
N ASP A 203 26.47 16.64 2.67
CA ASP A 203 27.85 16.19 2.91
C ASP A 203 28.89 17.32 2.95
N ASN A 204 28.62 18.40 2.22
CA ASN A 204 29.52 19.55 2.20
C ASN A 204 29.72 20.08 3.62
N THR A 205 28.63 20.14 4.39
CA THR A 205 28.67 20.72 5.73
C THR A 205 28.66 19.68 6.85
N LYS A 206 28.37 18.44 6.47
CA LYS A 206 28.14 17.36 7.42
C LYS A 206 27.10 17.72 8.50
N ILE A 207 26.14 18.56 8.13
CA ILE A 207 25.01 18.89 9.02
C ILE A 207 23.67 18.32 8.52
N LEU A 208 22.99 17.57 9.38
CA LEU A 208 21.63 17.08 9.12
C LEU A 208 20.60 18.07 9.70
N THR A 209 20.01 18.90 8.84
CA THR A 209 19.08 19.92 9.31
C THR A 209 17.62 19.54 9.02
N VAL A 210 16.80 19.54 10.08
CA VAL A 210 15.43 19.11 9.99
C VAL A 210 14.46 20.30 9.89
N ARG A 211 13.69 20.34 8.80
CA ARG A 211 12.69 21.39 8.61
C ARG A 211 11.26 20.87 8.77
N VAL A 212 10.48 21.61 9.56
CA VAL A 212 9.07 21.34 9.75
C VAL A 212 8.28 22.47 9.11
N ASN A 213 7.41 22.11 8.16
CA ASN A 213 6.71 23.11 7.33
C ASN A 213 7.61 24.25 6.82
N GLY A 214 8.88 23.92 6.52
CA GLY A 214 9.77 24.87 5.88
C GLY A 214 10.71 25.58 6.83
N GLU A 215 10.50 25.40 8.13
CA GLU A 215 11.35 26.06 9.12
C GLU A 215 12.26 25.07 9.85
N VAL A 216 13.55 25.38 9.90
CA VAL A 216 14.52 24.60 10.66
C VAL A 216 14.07 24.53 12.11
N VAL A 217 13.99 23.31 12.66
CA VAL A 217 13.69 23.14 14.07
C VAL A 217 14.80 22.36 14.74
N LYS A 218 15.75 21.88 13.95
CA LYS A 218 16.86 21.14 14.50
C LYS A 218 18.03 21.06 13.52
N SER A 219 19.24 21.26 14.01
CA SER A 219 20.44 20.94 13.25
C SER A 219 21.16 19.81 13.98
N MET A 220 21.71 18.87 13.24
CA MET A 220 22.46 17.79 13.84
C MET A 220 23.78 17.61 13.11
N PRO A 221 24.91 17.72 13.83
CA PRO A 221 26.15 17.26 13.23
C PRO A 221 26.04 15.76 12.94
N THR A 222 26.55 15.32 11.79
CA THR A 222 26.46 13.92 11.43
C THR A 222 27.78 13.39 10.86
N SER A 223 27.90 12.08 10.79
CA SER A 223 29.02 11.43 10.13
C SER A 223 28.43 10.35 9.28
N MET A 224 28.52 10.51 7.96
CA MET A 224 27.90 9.56 7.03
C MET A 224 28.91 8.51 6.59
N GLY A 225 28.59 7.77 5.54
CA GLY A 225 29.44 6.66 5.10
C GLY A 225 30.78 7.09 4.55
N LYS A 226 31.84 6.36 4.89
CA LYS A 226 33.15 6.76 4.41
C LYS A 226 33.28 6.46 2.91
N ASP A 227 34.30 7.03 2.28
CA ASP A 227 34.46 6.95 0.83
C ASP A 227 34.35 5.52 0.29
N SER A 228 34.84 4.55 1.07
CA SER A 228 34.77 3.13 0.71
C SER A 228 33.33 2.61 0.63
N THR A 229 32.51 3.06 1.58
CA THR A 229 31.12 2.64 1.68
C THR A 229 30.26 3.87 1.90
N PRO A 230 30.08 4.68 0.85
CA PRO A 230 29.42 5.97 1.05
C PRO A 230 27.89 5.89 1.15
N THR A 231 27.31 6.95 1.69
CA THR A 231 25.86 7.11 1.75
C THR A 231 25.38 7.63 0.40
N ALA A 232 24.35 6.99 -0.17
CA ALA A 232 23.86 7.42 -1.48
C ALA A 232 23.08 8.73 -1.36
N ASN A 233 23.25 9.61 -2.34
CA ASN A 233 22.41 10.79 -2.44
C ASN A 233 20.99 10.39 -2.82
N GLY A 234 20.04 11.27 -2.56
CA GLY A 234 18.68 10.99 -2.97
C GLY A 234 17.63 11.41 -1.96
N ILE A 235 16.40 11.03 -2.24
CA ILE A 235 15.27 11.26 -1.35
C ILE A 235 14.87 9.94 -0.69
N TYR A 236 14.99 9.87 0.64
CA TYR A 236 14.65 8.69 1.43
C TYR A 236 13.32 8.88 2.18
N ILE A 237 12.52 7.83 2.29
CA ILE A 237 11.25 7.86 3.00
C ILE A 237 11.43 7.17 4.35
N VAL A 238 11.08 7.85 5.42
CA VAL A 238 11.21 7.29 6.75
C VAL A 238 10.35 6.05 6.96
N GLY A 239 10.95 5.02 7.54
CA GLY A 239 10.26 3.76 7.79
C GLY A 239 10.03 3.46 9.26
N SER A 240 10.39 2.24 9.67
CA SER A 240 10.25 1.81 11.05
C SER A 240 11.29 2.46 11.97
N ARG A 241 10.98 2.56 13.26
CA ARG A 241 11.98 2.97 14.23
C ARG A 241 12.09 1.95 15.35
N TYR A 242 13.26 1.93 16.00
CA TYR A 242 13.56 0.97 17.05
C TYR A 242 14.27 1.63 18.24
N LYS A 243 13.86 1.28 19.44
CA LYS A 243 14.46 1.83 20.64
C LYS A 243 15.87 1.25 20.74
N HIS A 244 15.97 -0.05 20.48
CA HIS A 244 17.25 -0.72 20.46
C HIS A 244 17.28 -1.83 19.41
N ILE A 245 18.37 -1.91 18.65
CA ILE A 245 18.52 -2.96 17.63
C ILE A 245 19.96 -3.47 17.56
N ILE A 246 20.14 -4.72 17.16
CA ILE A 246 21.47 -5.27 16.91
C ILE A 246 21.69 -5.23 15.40
N MET A 247 22.94 -5.38 14.95
CA MET A 247 23.25 -5.62 13.54
C MET A 247 24.30 -6.72 13.42
N ASP A 248 23.89 -7.90 12.95
CA ASP A 248 24.82 -9.03 12.82
C ASP A 248 25.35 -9.15 11.39
N SER A 249 26.66 -9.36 11.25
CA SER A 249 27.24 -9.68 9.95
C SER A 249 27.07 -11.16 9.65
N SER A 250 26.80 -11.95 10.68
CA SER A 250 26.53 -13.38 10.56
C SER A 250 25.41 -13.59 9.54
N THR A 251 24.43 -12.69 9.58
CA THR A 251 23.43 -12.59 8.53
C THR A 251 24.01 -11.77 7.38
N TYR A 252 24.14 -12.42 6.23
CA TYR A 252 24.81 -11.96 4.99
C TYR A 252 26.19 -12.64 4.76
N GLY A 253 26.47 -13.67 5.54
CA GLY A 253 27.62 -14.54 5.31
C GLY A 253 28.85 -14.32 6.17
N VAL A 254 29.19 -13.05 6.43
CA VAL A 254 30.39 -12.64 7.18
C VAL A 254 30.37 -13.09 8.66
N PRO A 255 31.30 -13.98 9.06
CA PRO A 255 31.34 -14.35 10.48
C PRO A 255 31.76 -13.18 11.39
N VAL A 256 31.10 -13.06 12.55
CA VAL A 256 31.38 -11.95 13.48
C VAL A 256 32.83 -11.95 13.97
N ASN A 257 33.42 -13.14 14.10
CA ASN A 257 34.84 -13.25 14.42
C ASN A 257 35.71 -13.18 13.17
N SER A 258 35.57 -12.11 12.40
CA SER A 258 36.35 -11.87 11.21
C SER A 258 36.64 -10.37 11.14
N PRO A 259 37.72 -9.97 10.45
CA PRO A 259 38.13 -8.57 10.29
C PRO A 259 36.97 -7.59 10.07
N ASN A 260 36.16 -7.85 9.05
CA ASN A 260 35.02 -7.00 8.73
C ASN A 260 33.70 -7.46 9.38
N GLY A 261 33.77 -8.49 10.21
CA GLY A 261 32.63 -8.91 11.00
C GLY A 261 32.27 -7.87 12.07
N TYR A 262 31.00 -7.88 12.47
CA TYR A 262 30.49 -6.91 13.45
C TYR A 262 29.14 -7.31 14.04
N ARG A 263 29.11 -7.52 15.35
CA ARG A 263 27.86 -7.62 16.10
C ARG A 263 27.76 -6.36 16.96
N THR A 264 26.81 -5.48 16.62
CA THR A 264 26.78 -4.12 17.14
C THR A 264 25.44 -3.70 17.75
N ASP A 265 25.43 -3.46 19.06
CA ASP A 265 24.24 -2.94 19.73
C ASP A 265 24.06 -1.48 19.34
N VAL A 266 22.84 -1.13 18.90
CA VAL A 266 22.54 0.21 18.42
C VAL A 266 21.25 0.76 19.01
N ASP A 267 21.31 1.99 19.51
CA ASP A 267 20.16 2.66 20.09
C ASP A 267 19.51 3.62 19.09
N TRP A 268 18.22 3.88 19.29
CA TRP A 268 17.52 4.97 18.61
C TRP A 268 17.68 4.97 17.09
N ALA A 269 17.32 3.87 16.47
CA ALA A 269 17.54 3.71 15.05
C ALA A 269 16.27 3.96 14.24
N THR A 270 16.31 4.97 13.38
CA THR A 270 15.20 5.21 12.46
C THR A 270 15.60 4.77 11.06
N GLN A 271 14.92 3.75 10.55
CA GLN A 271 15.24 3.22 9.23
C GLN A 271 14.77 4.13 8.08
N ILE A 272 15.66 4.43 7.13
CA ILE A 272 15.25 5.20 5.96
C ILE A 272 15.49 4.55 4.59
N SER A 273 15.88 3.28 4.56
CA SER A 273 15.97 2.54 3.30
C SER A 273 15.97 1.03 3.53
N TYR A 274 15.37 0.29 2.60
CA TYR A 274 15.38 -1.17 2.68
C TYR A 274 16.80 -1.69 2.60
N SER A 275 17.66 -1.01 1.85
CA SER A 275 19.07 -1.42 1.72
C SER A 275 19.83 -1.39 3.06
N GLY A 276 19.27 -0.72 4.06
CA GLY A 276 19.81 -0.78 5.42
C GLY A 276 20.44 0.48 5.95
N VAL A 277 20.17 1.62 5.30
CA VAL A 277 20.61 2.90 5.83
C VAL A 277 19.69 3.36 6.96
N PHE A 278 20.29 3.68 8.12
CA PHE A 278 19.58 4.11 9.31
C PHE A 278 20.08 5.48 9.78
N VAL A 279 19.20 6.26 10.44
CA VAL A 279 19.69 7.33 11.30
C VAL A 279 19.67 6.76 12.72
N HIS A 280 20.81 6.83 13.42
CA HIS A 280 20.87 6.21 14.75
C HIS A 280 21.89 6.82 15.70
N SER A 281 21.87 6.34 16.94
CA SER A 281 22.80 6.78 17.98
C SER A 281 24.20 6.24 17.75
N ALA A 282 25.18 7.13 17.61
CA ALA A 282 26.57 6.69 17.45
C ALA A 282 27.52 7.44 18.38
N PRO A 283 27.52 7.09 19.68
CA PRO A 283 28.36 7.76 20.67
C PRO A 283 29.86 7.66 20.33
N TRP A 284 30.25 6.57 19.69
CA TRP A 284 31.64 6.34 19.36
C TRP A 284 32.15 7.15 18.17
N SER A 285 31.30 7.97 17.55
CA SER A 285 31.72 8.73 16.38
C SER A 285 31.52 10.22 16.56
N VAL A 286 31.08 10.60 17.77
CA VAL A 286 30.77 11.99 18.13
C VAL A 286 31.83 13.02 17.72
N GLY A 287 33.10 12.63 17.78
CA GLY A 287 34.17 13.53 17.38
C GLY A 287 34.22 13.79 15.89
N ALA A 288 33.86 12.76 15.12
CA ALA A 288 33.88 12.85 13.65
C ALA A 288 32.64 13.55 13.10
N GLN A 289 31.57 13.52 13.88
CA GLN A 289 30.28 14.07 13.46
C GLN A 289 30.39 15.57 13.24
N GLY A 290 30.01 16.00 12.04
CA GLY A 290 30.20 17.38 11.62
C GLY A 290 31.57 17.60 10.98
N HIS A 291 32.35 16.53 10.82
CA HIS A 291 33.72 16.68 10.29
C HIS A 291 34.16 15.58 9.32
N THR A 292 34.01 14.32 9.71
CA THR A 292 34.52 13.21 8.90
C THR A 292 33.47 12.10 8.77
N ASN A 293 33.39 11.49 7.61
CA ASN A 293 32.54 10.33 7.41
C ASN A 293 33.24 9.06 7.89
N THR A 294 32.53 8.23 8.67
CA THR A 294 33.14 7.07 9.33
C THR A 294 32.35 5.78 9.31
N SER A 295 31.11 5.85 8.84
CA SER A 295 30.20 4.71 8.93
C SER A 295 30.20 3.86 7.67
N HIS A 296 29.37 2.81 7.68
CA HIS A 296 29.19 1.96 6.52
C HIS A 296 28.06 2.44 5.63
N GLY A 297 27.63 3.69 5.80
CA GLY A 297 26.49 4.20 5.06
C GLY A 297 25.43 4.85 5.94
N CYS A 298 25.24 4.31 7.14
CA CYS A 298 24.30 4.86 8.10
C CYS A 298 24.63 6.31 8.41
N LEU A 299 23.62 7.09 8.79
CA LEU A 299 23.85 8.47 9.22
C LEU A 299 24.02 8.45 10.73
N ASN A 300 25.27 8.54 11.17
CA ASN A 300 25.61 8.49 12.58
C ASN A 300 25.32 9.84 13.21
N VAL A 301 24.55 9.87 14.29
CA VAL A 301 24.41 11.08 15.09
C VAL A 301 24.59 10.78 16.58
N SER A 302 24.67 11.83 17.40
CA SER A 302 24.87 11.68 18.83
C SER A 302 23.68 10.94 19.46
N PRO A 303 23.88 10.38 20.67
CA PRO A 303 22.78 9.67 21.34
C PRO A 303 21.53 10.52 21.56
N SER A 304 21.69 11.79 21.91
CA SER A 304 20.53 12.64 22.12
C SER A 304 19.95 13.17 20.80
N ASN A 305 20.77 13.28 19.76
CA ASN A 305 20.24 13.68 18.47
C ASN A 305 19.47 12.54 17.82
N ALA A 306 19.85 11.31 18.15
CA ALA A 306 19.19 10.14 17.60
C ALA A 306 17.84 9.88 18.26
N GLN A 307 17.73 10.26 19.54
CA GLN A 307 16.50 10.05 20.28
C GLN A 307 15.52 11.18 19.96
N TRP A 308 16.04 12.37 19.69
CA TRP A 308 15.17 13.44 19.19
C TRP A 308 14.47 13.02 17.88
N PHE A 309 15.23 12.37 17.00
CA PHE A 309 14.78 11.98 15.67
C PHE A 309 13.78 10.83 15.76
N TYR A 310 14.08 9.89 16.65
CA TYR A 310 13.19 8.79 16.90
C TYR A 310 11.88 9.31 17.50
N ASP A 311 11.95 10.42 18.23
CA ASP A 311 10.76 10.95 18.90
C ASP A 311 9.91 11.87 18.02
N HIS A 312 10.55 12.70 17.23
CA HIS A 312 9.80 13.70 16.49
C HIS A 312 9.61 13.43 14.99
N VAL A 313 10.16 12.33 14.48
CA VAL A 313 10.06 12.01 13.06
C VAL A 313 9.19 10.79 12.86
N LYS A 314 8.31 10.82 11.87
CA LYS A 314 7.33 9.75 11.70
C LYS A 314 7.47 9.03 10.37
N ARG A 315 6.91 7.83 10.32
CA ARG A 315 6.83 7.08 9.09
C ARG A 315 6.27 7.95 7.95
N GLY A 316 6.97 7.96 6.82
CA GLY A 316 6.57 8.79 5.69
C GLY A 316 7.24 10.16 5.58
N ASP A 317 7.92 10.60 6.64
CA ASP A 317 8.70 11.84 6.60
C ASP A 317 9.88 11.65 5.65
N ILE A 318 10.60 12.73 5.36
CA ILE A 318 11.60 12.70 4.28
C ILE A 318 13.03 13.03 4.74
N VAL A 319 13.97 12.18 4.37
CA VAL A 319 15.38 12.52 4.50
C VAL A 319 16.04 12.68 3.11
N GLU A 320 16.49 13.89 2.80
CA GLU A 320 17.12 14.16 1.52
C GLU A 320 18.64 14.22 1.69
N VAL A 321 19.36 13.36 0.98
CA VAL A 321 20.82 13.34 1.10
C VAL A 321 21.46 13.94 -0.16
N VAL A 322 22.42 14.86 0.04
CA VAL A 322 23.04 15.58 -1.08
C VAL A 322 24.57 15.75 -0.99
N ASN A 323 25.21 15.79 -2.15
CA ASN A 323 26.62 16.19 -2.30
C ASN A 323 27.68 15.18 -1.83
N THR A 324 27.24 13.96 -1.51
CA THR A 324 28.17 12.93 -1.06
C THR A 324 28.84 12.32 -2.28
N VAL A 325 29.71 11.34 -2.05
CA VAL A 325 30.44 10.72 -3.15
C VAL A 325 29.81 9.41 -3.59
N GLY A 326 28.64 9.10 -3.04
CA GLY A 326 27.92 7.93 -3.50
C GLY A 326 27.14 8.28 -4.75
N GLY A 327 26.40 7.31 -5.29
CA GLY A 327 25.47 7.60 -6.37
C GLY A 327 24.12 7.97 -5.79
N THR A 328 23.07 7.51 -6.45
CA THR A 328 21.70 7.82 -6.04
C THR A 328 21.05 6.56 -5.52
N LEU A 329 20.16 6.72 -4.56
CA LEU A 329 19.37 5.61 -4.05
C LEU A 329 18.45 5.09 -5.17
N PRO A 330 18.41 3.77 -5.36
CA PRO A 330 17.53 3.16 -6.36
C PRO A 330 16.05 3.50 -6.16
N GLY A 331 15.39 3.91 -7.24
CA GLY A 331 13.94 4.12 -7.20
C GLY A 331 13.14 2.97 -6.60
N ILE A 332 13.61 1.74 -6.77
CA ILE A 332 12.84 0.58 -6.33
C ILE A 332 13.39 -0.07 -5.06
N ASP A 333 14.09 0.70 -4.24
CA ASP A 333 14.69 0.17 -3.02
C ASP A 333 13.64 -0.37 -2.09
N GLY A 334 12.50 0.31 -2.01
CA GLY A 334 11.51 0.01 -1.00
C GLY A 334 11.09 1.28 -0.30
N LEU A 335 12.04 2.19 -0.14
CA LEU A 335 11.74 3.53 0.37
C LEU A 335 12.38 4.59 -0.54
N GLY A 336 12.61 4.21 -1.80
CA GLY A 336 13.31 5.08 -2.73
C GLY A 336 12.44 5.70 -3.83
N ASP A 337 11.13 5.61 -3.64
CA ASP A 337 10.13 5.95 -4.64
C ASP A 337 10.27 7.33 -5.32
N TRP A 338 10.63 8.36 -4.56
CA TRP A 338 10.67 9.71 -5.12
C TRP A 338 11.82 9.99 -6.09
N ASN A 339 12.77 9.06 -6.18
CA ASN A 339 13.91 9.18 -7.08
C ASN A 339 13.59 8.78 -8.53
N ILE A 340 12.38 8.30 -8.75
CA ILE A 340 11.92 8.01 -10.10
C ILE A 340 11.19 9.24 -10.60
N PRO A 341 11.66 9.83 -11.71
CA PRO A 341 11.02 11.02 -12.28
C PRO A 341 9.55 10.77 -12.61
N TRP A 342 8.72 11.81 -12.47
CA TRP A 342 7.26 11.70 -12.59
C TRP A 342 6.82 11.03 -13.89
N ASP A 343 7.32 11.51 -15.03
CA ASP A 343 6.97 10.93 -16.32
C ASP A 343 7.15 9.43 -16.36
N GLN A 344 8.25 8.95 -15.80
CA GLN A 344 8.52 7.51 -15.76
C GLN A 344 7.60 6.79 -14.77
N TRP A 345 7.43 7.40 -13.59
CA TRP A 345 6.49 6.90 -12.59
C TRP A 345 5.05 6.84 -13.13
N ARG A 346 4.54 7.96 -13.63
CA ARG A 346 3.16 8.03 -14.13
C ARG A 346 2.90 7.09 -15.31
N ALA A 347 3.90 6.92 -16.18
CA ALA A 347 3.76 6.01 -17.32
C ALA A 347 3.65 4.57 -16.83
N GLY A 348 4.25 4.29 -15.67
CA GLY A 348 4.05 3.03 -14.98
C GLY A 348 4.78 1.86 -15.62
N ASN A 349 4.45 0.65 -15.19
CA ASN A 349 5.01 -0.57 -15.72
C ASN A 349 4.05 -1.75 -15.55
N ALA A 350 2.78 -1.50 -15.83
CA ALA A 350 1.74 -2.54 -15.79
C ALA A 350 1.86 -3.55 -16.94
N LYS A 351 2.51 -3.16 -18.03
CA LYS A 351 2.69 -4.06 -19.17
C LYS A 351 4.10 -4.65 -19.23
#